data_6Y6J
#
_entry.id   6Y6J
#
_cell.length_a   64.324
_cell.length_b   74.020
_cell.length_c   78.354
_cell.angle_alpha   90.000
_cell.angle_beta   90.000
_cell.angle_gamma   90.000
#
_symmetry.space_group_name_H-M   'I 2 2 2'
#
loop_
_entity.id
_entity.type
_entity.pdbx_description
1 polymer 'Metallo-beta-lactamase VIM-2'
2 non-polymer 'Biapenem Imine hydrolysis product'
3 non-polymer 'Biapenem Enamine hydrolysis product'
4 non-polymer 'ZINC ION'
5 non-polymer 'CHLORIDE ION'
6 water water
#
_entity_poly.entity_id   1
_entity_poly.type   'polypeptide(L)'
_entity_poly.pdbx_seq_one_letter_code
;EYPTVSEIPVGEVRLYQIADGVWSHIATQSFDGAVYPSNGLIVRDGDELLLIDTAWGAKNTAALLAEIEKQIGLPVTRAV
STHFHDDRVGGVDVLRAAGVATYASPSTRRLAEVEGNEIPTHSLEGLSSSGDAVRFGPVELFYPGAAHSTDNLVVYVPSA
SVLYGGCAIYELSRTSAGNVADADLAEWPTSIERIQQHYPEAQFVIPGHGLPGGLDLLKHTTNVVKAHTNRS
;
_entity_poly.pdbx_strand_id   A
#
loop_
_chem_comp.id
_chem_comp.type
_chem_comp.name
_chem_comp.formula
CL non-polymer 'CHLORIDE ION' 'Cl -1'
OEN non-polymer 'Biapenem Imine hydrolysis product' 'C15 H21 N4 O5 S 1'
OEQ non-polymer 'Biapenem Enamine hydrolysis product' 'C15 H21 N4 O5 S 1'
ZN non-polymer 'ZINC ION' 'Zn 2'
#
# COMPACT_ATOMS: atom_id res chain seq x y z
N GLU A 1 -9.69 -11.56 13.60
CA GLU A 1 -9.41 -10.46 14.50
C GLU A 1 -9.02 -9.16 13.78
N TYR A 2 -9.05 -9.13 12.43
CA TYR A 2 -8.54 -7.96 11.71
C TYR A 2 -9.43 -6.76 12.01
N PRO A 3 -8.85 -5.62 12.36
CA PRO A 3 -9.68 -4.50 12.77
C PRO A 3 -10.36 -3.84 11.57
N THR A 4 -11.60 -3.43 11.80
CA THR A 4 -12.42 -2.81 10.77
C THR A 4 -12.53 -1.33 11.07
N VAL A 5 -13.17 -0.62 10.14
CA VAL A 5 -13.17 0.83 10.18
C VAL A 5 -13.82 1.36 11.46
N SER A 6 -14.88 0.70 11.93
CA SER A 6 -15.56 1.16 13.13
CA SER A 6 -15.57 1.16 13.13
C SER A 6 -14.80 0.85 14.41
N GLU A 7 -13.72 0.09 14.32
CA GLU A 7 -12.95 -0.33 15.48
C GLU A 7 -11.65 0.44 15.64
N ILE A 8 -11.41 1.45 14.81
CA ILE A 8 -10.20 2.25 14.92
C ILE A 8 -10.55 3.74 14.95
N PRO A 9 -10.44 4.40 16.10
CA PRO A 9 -10.68 5.84 16.12
C PRO A 9 -9.69 6.57 15.22
N VAL A 10 -10.15 7.63 14.54
CA VAL A 10 -9.25 8.41 13.71
C VAL A 10 -8.18 9.00 14.61
N GLY A 11 -6.95 8.83 14.22
CA GLY A 11 -5.83 9.25 15.02
C GLY A 11 -5.12 8.11 15.71
N GLU A 12 -5.74 6.93 15.78
CA GLU A 12 -5.13 5.75 16.37
C GLU A 12 -4.68 4.81 15.26
N VAL A 13 -3.67 4.01 15.55
CA VAL A 13 -3.15 3.02 14.60
C VAL A 13 -3.09 1.68 15.29
N ARG A 14 -3.54 0.67 14.58
CA ARG A 14 -3.45 -0.70 15.06
C ARG A 14 -2.56 -1.50 14.14
N LEU A 15 -1.89 -2.49 14.73
CA LEU A 15 -1.04 -3.40 13.98
C LEU A 15 -1.67 -4.80 14.00
N TYR A 16 -1.45 -5.52 12.91
CA TYR A 16 -1.96 -6.89 12.81
C TYR A 16 -0.86 -7.77 12.24
N GLN A 17 -0.45 -8.79 12.98
CA GLN A 17 0.58 -9.68 12.47
C GLN A 17 -0.01 -10.67 11.48
N ILE A 18 0.50 -10.62 10.24
CA ILE A 18 0.03 -11.45 9.13
C ILE A 18 0.77 -12.77 9.08
N ALA A 19 2.08 -12.71 9.33
CA ALA A 19 2.98 -13.85 9.25
C ALA A 19 4.20 -13.46 10.06
N ASP A 20 5.08 -14.42 10.25
CA ASP A 20 6.36 -14.14 10.88
C ASP A 20 7.05 -12.97 10.20
N GLY A 21 7.32 -11.91 10.98
CA GLY A 21 8.03 -10.77 10.47
C GLY A 21 7.25 -9.87 9.54
N VAL A 22 5.93 -10.01 9.45
CA VAL A 22 5.12 -9.17 8.58
C VAL A 22 3.88 -8.72 9.33
N TRP A 23 3.66 -7.42 9.41
CA TRP A 23 2.49 -6.83 10.01
C TRP A 23 1.80 -5.95 8.98
N SER A 24 0.49 -5.79 9.10
CA SER A 24 -0.13 -4.64 8.48
C SER A 24 -0.31 -3.56 9.54
N HIS A 25 -0.35 -2.30 9.12
CA HIS A 25 -0.74 -1.19 9.98
C HIS A 25 -2.06 -0.65 9.44
N ILE A 26 -2.99 -0.40 10.35
CA ILE A 26 -4.34 0.01 10.01
C ILE A 26 -4.63 1.34 10.70
N ALA A 27 -5.07 2.31 9.92
CA ALA A 27 -5.48 3.62 10.41
C ALA A 27 -6.78 3.98 9.74
N THR A 28 -7.35 5.09 10.19
CA THR A 28 -8.60 5.58 9.61
C THR A 28 -8.48 7.07 9.38
N GLN A 29 -9.29 7.54 8.44
CA GLN A 29 -9.29 8.95 8.10
C GLN A 29 -10.68 9.36 7.67
N SER A 30 -11.05 10.59 8.02
CA SER A 30 -12.24 11.23 7.49
C SER A 30 -11.92 11.79 6.12
N PHE A 31 -12.80 11.52 5.16
CA PHE A 31 -12.58 11.97 3.80
C PHE A 31 -13.91 11.95 3.06
N ASP A 32 -14.23 13.03 2.35
CA ASP A 32 -15.47 13.16 1.60
C ASP A 32 -16.71 12.96 2.47
N GLY A 33 -16.59 13.23 3.77
CA GLY A 33 -17.71 13.02 4.67
C GLY A 33 -17.90 11.60 5.16
N ALA A 34 -17.00 10.71 4.82
CA ALA A 34 -17.04 9.33 5.26
C ALA A 34 -15.85 9.05 6.15
N VAL A 35 -15.82 7.87 6.75
CA VAL A 35 -14.61 7.38 7.40
C VAL A 35 -14.18 6.12 6.67
N TYR A 36 -12.89 6.06 6.33
CA TYR A 36 -12.30 4.95 5.63
C TYR A 36 -11.13 4.40 6.43
N PRO A 37 -10.96 3.08 6.49
CA PRO A 37 -9.71 2.49 6.98
C PRO A 37 -8.67 2.50 5.88
N SER A 38 -7.40 2.37 6.27
CA SER A 38 -6.33 2.28 5.31
C SER A 38 -5.22 1.43 5.88
N ASN A 39 -4.64 0.59 5.03
CA ASN A 39 -3.58 -0.33 5.38
C ASN A 39 -2.24 0.13 4.86
N GLY A 40 -1.20 -0.26 5.58
CA GLY A 40 0.14 -0.33 5.04
C GLY A 40 0.79 -1.59 5.56
N LEU A 41 2.11 -1.73 5.38
CA LEU A 41 2.82 -2.94 5.77
C LEU A 41 4.04 -2.58 6.59
N ILE A 42 4.45 -3.51 7.42
CA ILE A 42 5.70 -3.44 8.16
C ILE A 42 6.38 -4.79 7.95
N VAL A 43 7.65 -4.78 7.55
CA VAL A 43 8.38 -6.01 7.27
C VAL A 43 9.70 -5.98 8.05
N ARG A 44 9.94 -7.02 8.84
CA ARG A 44 11.19 -7.11 9.57
C ARG A 44 12.34 -7.25 8.60
N ASP A 45 13.39 -6.46 8.84
CA ASP A 45 14.57 -6.30 8.00
C ASP A 45 15.76 -6.53 8.92
N GLY A 46 15.94 -7.78 9.32
CA GLY A 46 16.99 -8.09 10.26
C GLY A 46 16.62 -7.53 11.62
N ASP A 47 17.46 -6.64 12.17
CA ASP A 47 17.14 -5.96 13.42
C ASP A 47 16.56 -4.57 13.19
N GLU A 48 16.04 -4.32 12.00
CA GLU A 48 15.39 -3.08 11.64
C GLU A 48 14.05 -3.40 11.00
N LEU A 49 13.25 -2.36 10.72
CA LEU A 49 11.98 -2.51 10.06
C LEU A 49 11.91 -1.69 8.77
N LEU A 50 11.32 -2.29 7.77
CA LEU A 50 10.94 -1.59 6.54
C LEU A 50 9.45 -1.31 6.59
N LEU A 51 9.10 -0.04 6.40
CA LEU A 51 7.70 0.39 6.39
C LEU A 51 7.24 0.55 4.95
N ILE A 52 6.02 0.07 4.69
CA ILE A 52 5.36 0.30 3.40
C ILE A 52 4.17 1.18 3.67
N ASP A 53 4.23 2.40 3.14
CA ASP A 53 3.19 3.43 3.18
C ASP A 53 3.03 4.09 4.55
N THR A 54 2.67 5.37 4.51
CA THR A 54 2.33 6.08 5.74
C THR A 54 0.98 5.59 6.22
N ALA A 55 0.53 6.18 7.34
CA ALA A 55 -0.78 5.91 7.89
C ALA A 55 -1.80 7.00 7.56
N TRP A 56 -1.61 7.71 6.44
CA TRP A 56 -2.58 8.64 5.88
C TRP A 56 -2.67 9.86 6.79
N GLY A 57 -1.63 10.63 6.79
CA GLY A 57 -1.60 11.88 7.51
C GLY A 57 -0.52 11.96 8.56
N ALA A 58 -0.15 13.18 8.91
CA ALA A 58 0.89 13.39 9.89
C ALA A 58 0.54 12.84 11.27
N LYS A 59 -0.65 13.15 11.77
CA LYS A 59 -1.03 12.69 13.10
C LYS A 59 -1.09 11.18 13.14
N ASN A 60 -1.73 10.57 12.15
CA ASN A 60 -1.77 9.12 12.10
C ASN A 60 -0.37 8.53 12.00
N THR A 61 0.51 9.14 11.21
CA THR A 61 1.84 8.55 11.03
C THR A 61 2.68 8.68 12.29
N ALA A 62 2.51 9.75 13.05
CA ALA A 62 3.15 9.80 14.36
C ALA A 62 2.63 8.68 15.26
N ALA A 63 1.32 8.44 15.23
CA ALA A 63 0.76 7.36 16.02
C ALA A 63 1.28 6.00 15.55
N LEU A 64 1.47 5.84 14.25
CA LEU A 64 2.06 4.62 13.71
C LEU A 64 3.44 4.36 14.27
N LEU A 65 4.31 5.37 14.28
CA LEU A 65 5.65 5.18 14.79
C LEU A 65 5.60 4.81 16.27
N ALA A 66 4.72 5.46 17.02
CA ALA A 66 4.61 5.13 18.44
C ALA A 66 4.15 3.69 18.64
N GLU A 67 3.15 3.26 17.87
CA GLU A 67 2.64 1.91 18.04
C GLU A 67 3.69 0.88 17.66
N ILE A 68 4.47 1.16 16.62
CA ILE A 68 5.55 0.24 16.25
C ILE A 68 6.56 0.10 17.38
N GLU A 69 6.92 1.22 18.00
CA GLU A 69 7.89 1.13 19.09
C GLU A 69 7.29 0.35 20.26
N LYS A 70 6.02 0.61 20.59
CA LYS A 70 5.40 -0.06 21.73
C LYS A 70 5.24 -1.56 21.48
N GLN A 71 4.84 -1.97 20.28
CA GLN A 71 4.48 -3.35 20.03
C GLN A 71 5.60 -4.20 19.46
N ILE A 72 6.53 -3.61 18.69
CA ILE A 72 7.59 -4.32 18.03
C ILE A 72 8.96 -3.94 18.59
N GLY A 73 9.24 -2.64 18.67
CA GLY A 73 10.44 -2.18 19.35
C GLY A 73 11.71 -2.24 18.54
N LEU A 74 11.61 -2.45 17.22
CA LEU A 74 12.72 -2.35 16.28
C LEU A 74 12.63 -1.03 15.53
N PRO A 75 13.75 -0.43 15.14
CA PRO A 75 13.70 0.90 14.52
C PRO A 75 13.24 0.80 13.08
N VAL A 76 12.39 1.75 12.68
CA VAL A 76 11.98 1.91 11.30
C VAL A 76 13.07 2.71 10.60
N THR A 77 13.79 2.07 9.68
CA THR A 77 14.91 2.73 9.03
C THR A 77 14.62 3.14 7.60
N ARG A 78 13.67 2.50 6.93
CA ARG A 78 13.35 2.83 5.54
C ARG A 78 11.84 2.71 5.39
N ALA A 79 11.30 3.51 4.48
CA ALA A 79 9.88 3.46 4.12
C ALA A 79 9.76 3.61 2.62
N VAL A 80 8.82 2.87 2.04
CA VAL A 80 8.49 2.96 0.62
C VAL A 80 7.03 3.39 0.53
N SER A 81 6.76 4.40 -0.28
CA SER A 81 5.39 4.79 -0.61
C SER A 81 5.02 4.24 -1.99
N THR A 82 3.86 3.59 -2.06
CA THR A 82 3.49 2.82 -3.23
C THR A 82 2.73 3.61 -4.28
N HIS A 83 2.29 4.82 -3.99
CA HIS A 83 1.90 5.79 -5.02
C HIS A 83 1.80 7.15 -4.36
N PHE A 84 1.43 8.16 -5.14
CA PHE A 84 1.65 9.55 -4.74
C PHE A 84 0.54 10.17 -3.91
N HIS A 85 -0.56 9.46 -3.67
CA HIS A 85 -1.68 10.05 -2.97
C HIS A 85 -1.41 10.08 -1.46
N ASP A 86 -2.23 10.87 -0.76
CA ASP A 86 -1.98 11.18 0.63
C ASP A 86 -2.09 9.99 1.58
N ASP A 87 -2.89 8.95 1.24
CA ASP A 87 -2.89 7.78 2.10
C ASP A 87 -1.62 6.94 1.99
N ARG A 88 -0.68 7.31 1.12
CA ARG A 88 0.59 6.64 0.95
C ARG A 88 1.77 7.51 1.32
N VAL A 89 1.69 8.81 1.06
CA VAL A 89 2.80 9.73 1.34
C VAL A 89 2.44 10.76 2.42
N GLY A 90 1.19 10.90 2.80
CA GLY A 90 0.83 11.85 3.83
C GLY A 90 1.40 11.41 5.16
N GLY A 91 2.33 12.16 5.72
CA GLY A 91 3.10 11.69 6.86
C GLY A 91 4.56 11.42 6.57
N VAL A 92 4.98 11.53 5.32
CA VAL A 92 6.39 11.37 4.98
C VAL A 92 7.27 12.37 5.73
N ASP A 93 6.78 13.60 5.94
CA ASP A 93 7.53 14.57 6.70
C ASP A 93 7.79 14.09 8.13
N VAL A 94 6.78 13.47 8.76
CA VAL A 94 6.93 12.90 10.09
C VAL A 94 7.96 11.78 10.07
N LEU A 95 7.91 10.90 9.07
CA LEU A 95 8.90 9.83 8.97
C LEU A 95 10.29 10.42 8.86
N ARG A 96 10.45 11.40 7.98
CA ARG A 96 11.75 12.02 7.74
C ARG A 96 12.30 12.62 9.02
N ALA A 97 11.44 13.29 9.81
CA ALA A 97 11.91 13.92 11.04
C ALA A 97 12.32 12.88 12.07
N ALA A 98 11.76 11.68 12.00
CA ALA A 98 12.07 10.57 12.88
C ALA A 98 13.25 9.73 12.39
N GLY A 99 13.94 10.19 11.34
CA GLY A 99 15.14 9.51 10.89
C GLY A 99 14.90 8.37 9.94
N VAL A 100 13.70 8.22 9.45
CA VAL A 100 13.39 7.20 8.46
C VAL A 100 13.81 7.70 7.09
N ALA A 101 14.48 6.84 6.34
CA ALA A 101 14.82 7.13 4.95
C ALA A 101 13.60 6.77 4.09
N THR A 102 13.00 7.78 3.46
CA THR A 102 11.80 7.59 2.68
C THR A 102 12.15 7.44 1.20
N TYR A 103 11.42 6.56 0.52
CA TYR A 103 11.68 6.14 -0.86
C TYR A 103 10.39 6.14 -1.64
N ALA A 104 10.50 6.41 -2.94
CA ALA A 104 9.42 6.14 -3.88
C ALA A 104 10.03 6.12 -5.27
N SER A 105 9.27 5.66 -6.24
CA SER A 105 9.75 5.72 -7.60
C SER A 105 9.88 7.16 -8.08
N PRO A 106 10.68 7.41 -9.12
CA PRO A 106 10.71 8.74 -9.70
C PRO A 106 9.34 9.22 -10.13
N SER A 107 8.52 8.34 -10.65
N SER A 107 8.53 8.33 -10.69
CA SER A 107 7.19 8.78 -11.08
CA SER A 107 7.18 8.70 -11.09
C SER A 107 6.32 9.18 -9.91
C SER A 107 6.38 9.20 -9.91
N THR A 108 6.40 8.45 -8.80
CA THR A 108 5.66 8.84 -7.62
C THR A 108 6.16 10.18 -7.08
N ARG A 109 7.47 10.37 -7.03
CA ARG A 109 7.99 11.64 -6.50
C ARG A 109 7.53 12.81 -7.35
N ARG A 110 7.55 12.65 -8.67
CA ARG A 110 7.11 13.72 -9.57
C ARG A 110 5.63 14.00 -9.39
N LEU A 111 4.80 12.95 -9.36
CA LEU A 111 3.37 13.15 -9.25
C LEU A 111 3.01 13.75 -7.89
N ALA A 112 3.72 13.34 -6.84
CA ALA A 112 3.48 13.95 -5.53
C ALA A 112 3.76 15.44 -5.58
N GLU A 113 4.86 15.85 -6.20
CA GLU A 113 5.18 17.26 -6.30
C GLU A 113 4.09 18.01 -7.07
N VAL A 114 3.66 17.46 -8.21
CA VAL A 114 2.61 18.11 -8.98
C VAL A 114 1.35 18.27 -8.15
N GLU A 115 0.99 17.26 -7.40
CA GLU A 115 -0.23 17.23 -6.61
C GLU A 115 -0.15 18.08 -5.36
N GLY A 116 1.06 18.43 -4.93
CA GLY A 116 1.23 19.13 -3.67
C GLY A 116 1.34 18.24 -2.47
N ASN A 117 1.63 16.98 -2.66
CA ASN A 117 1.74 16.03 -1.57
C ASN A 117 3.19 15.90 -1.16
N GLU A 118 3.41 15.29 0.00
CA GLU A 118 4.77 15.14 0.52
C GLU A 118 5.57 14.23 -0.39
N ILE A 119 6.86 14.52 -0.48
CA ILE A 119 7.73 13.91 -1.49
C ILE A 119 8.76 13.03 -0.78
N PRO A 120 8.68 11.73 -0.94
CA PRO A 120 9.73 10.87 -0.40
C PRO A 120 11.10 11.26 -0.92
N THR A 121 12.10 11.10 -0.07
CA THR A 121 13.43 11.62 -0.34
C THR A 121 14.15 10.87 -1.46
N HIS A 122 14.22 9.54 -1.34
CA HIS A 122 15.04 8.73 -2.22
C HIS A 122 14.23 8.23 -3.40
N SER A 123 14.92 8.04 -4.52
N SER A 123 14.92 7.94 -4.51
CA SER A 123 14.33 7.54 -5.75
CA SER A 123 14.29 7.57 -5.78
C SER A 123 14.65 6.05 -5.88
C SER A 123 14.64 6.14 -6.18
N LEU A 124 13.62 5.26 -6.17
CA LEU A 124 13.79 3.84 -6.47
C LEU A 124 13.99 3.61 -7.96
N GLU A 125 15.13 3.05 -8.31
CA GLU A 125 15.44 2.72 -9.70
C GLU A 125 14.84 1.38 -10.08
N GLY A 126 14.62 1.21 -11.39
CA GLY A 126 14.27 -0.09 -11.94
C GLY A 126 12.80 -0.42 -11.96
N LEU A 127 11.93 0.57 -11.84
CA LEU A 127 10.49 0.30 -11.74
C LEU A 127 9.69 1.10 -12.76
N SER A 128 10.33 1.57 -13.84
CA SER A 128 9.66 2.51 -14.73
C SER A 128 8.77 1.83 -15.77
N SER A 129 8.98 0.54 -16.04
CA SER A 129 8.25 -0.16 -17.09
C SER A 129 7.38 -1.26 -16.51
N SER A 130 6.17 -1.40 -17.06
N SER A 130 6.18 -1.42 -17.06
CA SER A 130 5.27 -2.45 -16.63
CA SER A 130 5.25 -2.42 -16.53
C SER A 130 6.02 -3.79 -16.58
C SER A 130 5.84 -3.81 -16.61
N GLY A 131 5.82 -4.52 -15.49
CA GLY A 131 6.46 -5.80 -15.32
C GLY A 131 7.79 -5.73 -14.61
N ASP A 132 8.30 -4.53 -14.36
CA ASP A 132 9.58 -4.38 -13.68
C ASP A 132 9.45 -4.80 -12.21
N ALA A 133 10.45 -5.51 -11.72
CA ALA A 133 10.52 -5.92 -10.32
C ALA A 133 11.94 -5.68 -9.83
N VAL A 134 12.05 -5.21 -8.60
CA VAL A 134 13.33 -5.03 -7.97
C VAL A 134 13.22 -5.47 -6.52
N ARG A 135 14.27 -6.07 -6.01
CA ARG A 135 14.34 -6.40 -4.61
C ARG A 135 14.76 -5.16 -3.82
N PHE A 136 14.16 -4.99 -2.66
CA PHE A 136 14.43 -3.85 -1.79
C PHE A 136 14.37 -4.39 -0.36
N GLY A 137 15.53 -4.61 0.25
CA GLY A 137 15.55 -5.30 1.52
C GLY A 137 14.73 -6.56 1.42
N PRO A 138 13.89 -6.83 2.42
CA PRO A 138 13.18 -8.10 2.51
C PRO A 138 11.92 -8.20 1.64
N VAL A 139 11.71 -7.25 0.72
CA VAL A 139 10.56 -7.32 -0.17
C VAL A 139 11.02 -7.23 -1.61
N GLU A 140 10.09 -7.58 -2.49
CA GLU A 140 10.21 -7.28 -3.91
C GLU A 140 9.16 -6.23 -4.24
N LEU A 141 9.58 -5.19 -4.93
CA LEU A 141 8.72 -4.15 -5.45
C LEU A 141 8.44 -4.46 -6.91
N PHE A 142 7.18 -4.28 -7.32
CA PHE A 142 6.73 -4.66 -8.65
C PHE A 142 5.87 -3.53 -9.20
N TYR A 143 6.18 -3.08 -10.41
CA TYR A 143 5.33 -2.11 -11.08
C TYR A 143 4.47 -2.85 -12.08
N PRO A 144 3.17 -3.05 -11.83
CA PRO A 144 2.36 -3.89 -12.71
C PRO A 144 1.80 -3.16 -13.92
N GLY A 145 2.06 -1.86 -14.01
CA GLY A 145 1.37 -1.01 -14.95
C GLY A 145 0.30 -0.17 -14.25
N ALA A 146 -0.26 0.76 -15.00
CA ALA A 146 -1.20 1.70 -14.44
C ALA A 146 -2.47 0.96 -13.99
N ALA A 147 -3.02 1.40 -12.86
CA ALA A 147 -4.26 0.80 -12.33
C ALA A 147 -4.97 1.88 -11.54
N HIS A 148 -4.97 1.79 -10.21
CA HIS A 148 -5.53 2.86 -9.39
C HIS A 148 -4.86 4.19 -9.68
N SER A 149 -3.56 4.15 -9.96
CA SER A 149 -2.81 5.33 -10.41
C SER A 149 -1.81 4.86 -11.42
N THR A 150 -1.20 5.79 -12.14
CA THR A 150 -0.23 5.39 -13.14
C THR A 150 1.07 4.90 -12.53
N ASP A 151 1.37 5.27 -11.28
CA ASP A 151 2.62 4.96 -10.61
C ASP A 151 2.50 3.83 -9.61
N ASN A 152 1.33 3.24 -9.43
CA ASN A 152 1.16 2.36 -8.29
C ASN A 152 2.10 1.14 -8.33
N LEU A 153 2.68 0.85 -7.18
CA LEU A 153 3.53 -0.32 -6.95
C LEU A 153 2.84 -1.32 -6.07
N VAL A 154 3.18 -2.59 -6.26
CA VAL A 154 2.79 -3.60 -5.29
C VAL A 154 4.06 -4.18 -4.69
N VAL A 155 3.87 -4.84 -3.56
CA VAL A 155 5.00 -5.27 -2.71
C VAL A 155 4.78 -6.72 -2.34
N TYR A 156 5.77 -7.56 -2.61
CA TYR A 156 5.71 -8.96 -2.26
C TYR A 156 6.75 -9.26 -1.20
N VAL A 157 6.37 -10.01 -0.17
CA VAL A 157 7.30 -10.45 0.86
C VAL A 157 7.61 -11.93 0.64
N PRO A 158 8.74 -12.29 0.02
CA PRO A 158 8.93 -13.71 -0.37
C PRO A 158 8.97 -14.67 0.80
N SER A 159 9.53 -14.25 1.95
CA SER A 159 9.67 -15.16 3.06
C SER A 159 8.35 -15.53 3.69
N ALA A 160 7.31 -14.72 3.50
CA ALA A 160 6.02 -14.90 4.13
C ALA A 160 4.87 -15.08 3.14
N SER A 161 5.15 -15.03 1.84
CA SER A 161 4.12 -15.22 0.80
C SER A 161 2.99 -14.21 0.97
N VAL A 162 3.36 -12.98 1.30
CA VAL A 162 2.43 -11.87 1.48
C VAL A 162 2.54 -10.92 0.30
N LEU A 163 1.43 -10.68 -0.39
CA LEU A 163 1.32 -9.72 -1.47
C LEU A 163 0.53 -8.52 -0.97
N TYR A 164 1.16 -7.38 -0.99
CA TYR A 164 0.53 -6.13 -0.60
CA TYR A 164 0.52 -6.12 -0.59
C TYR A 164 0.19 -5.36 -1.86
N GLY A 165 -1.11 -5.19 -2.14
CA GLY A 165 -1.53 -4.58 -3.38
C GLY A 165 -1.68 -3.10 -3.36
N GLY A 166 -1.63 -2.48 -2.19
CA GLY A 166 -1.99 -1.08 -2.09
C GLY A 166 -3.34 -0.82 -2.73
N CYS A 167 -3.54 0.41 -3.18
CA CYS A 167 -4.86 0.84 -3.64
C CYS A 167 -5.26 0.25 -4.98
N ALA A 168 -4.33 -0.46 -5.64
CA ALA A 168 -4.69 -1.20 -6.84
C ALA A 168 -5.52 -2.44 -6.58
N ILE A 169 -5.59 -2.89 -5.33
CA ILE A 169 -6.34 -4.09 -4.99
C ILE A 169 -7.40 -3.68 -3.97
N TYR A 170 -8.65 -4.08 -4.24
CA TYR A 170 -9.80 -3.79 -3.41
C TYR A 170 -10.05 -4.94 -2.43
N GLU A 171 -10.52 -4.59 -1.23
CA GLU A 171 -11.06 -5.62 -0.35
C GLU A 171 -12.37 -6.19 -0.91
N LEU A 172 -12.72 -7.38 -0.44
CA LEU A 172 -13.93 -8.03 -0.95
C LEU A 172 -15.20 -7.27 -0.60
N SER A 173 -15.24 -6.60 0.55
N SER A 173 -15.26 -6.62 0.55
CA SER A 173 -16.43 -5.87 0.96
CA SER A 173 -16.51 -5.93 0.88
C SER A 173 -16.77 -4.76 -0.03
C SER A 173 -16.77 -4.71 0.00
N ARG A 174 -15.78 -4.25 -0.75
CA ARG A 174 -15.97 -3.11 -1.64
C ARG A 174 -16.41 -3.64 -3.00
N THR A 175 -17.65 -3.38 -3.36
CA THR A 175 -18.20 -3.88 -4.62
C THR A 175 -18.48 -2.78 -5.61
N SER A 176 -17.99 -1.56 -5.33
CA SER A 176 -18.07 -0.46 -6.27
C SER A 176 -16.73 0.23 -6.27
N ALA A 177 -16.43 0.96 -7.34
CA ALA A 177 -15.17 1.66 -7.45
C ALA A 177 -15.40 3.12 -7.05
N GLY A 178 -14.42 3.67 -6.34
CA GLY A 178 -14.49 5.08 -5.96
C GLY A 178 -13.10 5.67 -5.95
N ASN A 179 -13.05 6.99 -5.99
CA ASN A 179 -11.78 7.72 -6.04
C ASN A 179 -10.87 7.12 -7.10
N VAL A 180 -11.34 7.20 -8.34
CA VAL A 180 -10.65 6.67 -9.50
C VAL A 180 -10.23 7.77 -10.46
N ALA A 181 -10.18 9.03 -9.99
CA ALA A 181 -9.93 10.16 -10.88
C ALA A 181 -8.54 10.09 -11.50
N ASP A 182 -7.58 9.48 -10.82
CA ASP A 182 -6.23 9.36 -11.37
C ASP A 182 -5.96 7.97 -11.91
N ALA A 183 -6.99 7.12 -12.00
CA ALA A 183 -6.82 5.75 -12.39
C ALA A 183 -6.78 5.62 -13.91
N ASP A 184 -6.14 4.55 -14.36
CA ASP A 184 -6.26 4.08 -15.72
C ASP A 184 -7.23 2.88 -15.68
N LEU A 185 -8.53 3.18 -15.78
CA LEU A 185 -9.52 2.12 -15.67
C LEU A 185 -9.32 1.07 -16.75
N ALA A 186 -8.91 1.51 -17.94
CA ALA A 186 -8.82 0.58 -19.06
C ALA A 186 -7.66 -0.39 -18.89
N GLU A 187 -6.57 0.05 -18.28
CA GLU A 187 -5.41 -0.79 -18.11
C GLU A 187 -5.48 -1.62 -16.84
N TRP A 188 -6.27 -1.21 -15.87
CA TRP A 188 -6.26 -1.84 -14.55
C TRP A 188 -6.45 -3.34 -14.61
N PRO A 189 -7.39 -3.89 -15.38
CA PRO A 189 -7.50 -5.36 -15.41
C PRO A 189 -6.24 -6.03 -15.95
N THR A 190 -5.60 -5.43 -16.95
CA THR A 190 -4.37 -5.99 -17.50
C THR A 190 -3.24 -5.92 -16.48
N SER A 191 -3.20 -4.84 -15.71
CA SER A 191 -2.19 -4.72 -14.66
C SER A 191 -2.40 -5.75 -13.56
N ILE A 192 -3.65 -6.04 -13.22
CA ILE A 192 -3.91 -7.10 -12.24
C ILE A 192 -3.48 -8.47 -12.79
N GLU A 193 -3.76 -8.74 -14.08
CA GLU A 193 -3.27 -9.95 -14.73
C GLU A 193 -1.77 -10.11 -14.55
N ARG A 194 -1.02 -9.03 -14.70
CA ARG A 194 0.43 -9.10 -14.53
C ARG A 194 0.80 -9.48 -13.09
N ILE A 195 0.05 -8.95 -12.12
CA ILE A 195 0.28 -9.33 -10.72
C ILE A 195 0.02 -10.82 -10.53
N GLN A 196 -1.11 -11.31 -11.01
N GLN A 196 -1.12 -11.30 -11.04
CA GLN A 196 -1.41 -12.73 -10.83
CA GLN A 196 -1.48 -12.71 -10.91
C GLN A 196 -0.33 -13.59 -11.48
C GLN A 196 -0.42 -13.61 -11.53
N GLN A 197 0.12 -13.20 -12.68
CA GLN A 197 1.12 -14.02 -13.37
C GLN A 197 2.47 -13.97 -12.66
N HIS A 198 2.78 -12.87 -11.98
CA HIS A 198 4.10 -12.73 -11.37
C HIS A 198 4.15 -13.26 -9.94
N TYR A 199 3.03 -13.23 -9.22
CA TYR A 199 2.98 -13.69 -7.84
C TYR A 199 1.88 -14.73 -7.62
N PRO A 200 1.84 -15.79 -8.43
CA PRO A 200 0.83 -16.83 -8.24
C PRO A 200 1.00 -17.57 -6.94
N GLU A 201 2.15 -17.41 -6.27
CA GLU A 201 2.38 -18.15 -5.03
C GLU A 201 1.93 -17.38 -3.80
N ALA A 202 1.38 -16.18 -3.95
CA ALA A 202 0.95 -15.40 -2.81
C ALA A 202 -0.12 -16.14 -2.03
N GLN A 203 0.04 -16.19 -0.72
CA GLN A 203 -0.93 -16.78 0.18
C GLN A 203 -1.87 -15.76 0.77
N PHE A 204 -1.34 -14.60 1.16
CA PHE A 204 -2.14 -13.52 1.71
C PHE A 204 -2.06 -12.35 0.74
N VAL A 205 -3.17 -11.66 0.57
CA VAL A 205 -3.24 -10.46 -0.25
C VAL A 205 -3.83 -9.37 0.60
N ILE A 206 -3.13 -8.25 0.71
N ILE A 206 -3.11 -8.25 0.70
CA ILE A 206 -3.52 -7.13 1.55
CA ILE A 206 -3.48 -7.11 1.53
C ILE A 206 -3.93 -5.98 0.64
C ILE A 206 -3.94 -5.99 0.60
N PRO A 207 -5.18 -5.53 0.68
CA PRO A 207 -5.62 -4.38 -0.12
C PRO A 207 -5.18 -3.09 0.55
N GLY A 208 -5.27 -1.99 -0.21
CA GLY A 208 -4.93 -0.71 0.36
C GLY A 208 -5.89 -0.28 1.45
N HIS A 209 -7.13 -0.78 1.42
CA HIS A 209 -8.17 -0.45 2.37
C HIS A 209 -8.93 -1.74 2.63
N GLY A 210 -9.03 -2.12 3.89
CA GLY A 210 -9.89 -3.20 4.29
C GLY A 210 -9.21 -4.53 4.57
N LEU A 211 -10.04 -5.57 4.60
CA LEU A 211 -9.60 -6.84 5.13
C LEU A 211 -8.67 -7.58 4.15
N PRO A 212 -7.64 -8.22 4.65
CA PRO A 212 -6.85 -9.12 3.80
C PRO A 212 -7.67 -10.32 3.37
N GLY A 213 -7.18 -10.96 2.34
CA GLY A 213 -7.73 -12.22 1.89
C GLY A 213 -6.70 -13.01 1.15
N GLY A 214 -7.18 -13.86 0.24
CA GLY A 214 -6.32 -14.62 -0.63
C GLY A 214 -6.25 -14.00 -2.02
N LEU A 215 -5.75 -14.80 -2.96
CA LEU A 215 -5.57 -14.31 -4.33
C LEU A 215 -6.90 -13.98 -5.00
N ASP A 216 -8.02 -14.46 -4.45
N ASP A 216 -8.03 -14.44 -4.48
CA ASP A 216 -9.34 -14.08 -4.96
CA ASP A 216 -9.27 -14.04 -5.15
C ASP A 216 -9.50 -12.56 -5.01
C ASP A 216 -9.62 -12.58 -4.90
N LEU A 217 -8.84 -11.83 -4.12
CA LEU A 217 -9.00 -10.38 -4.13
C LEU A 217 -8.61 -9.78 -5.48
N LEU A 218 -7.73 -10.45 -6.24
CA LEU A 218 -7.32 -9.90 -7.53
C LEU A 218 -8.46 -9.97 -8.53
N LYS A 219 -9.09 -11.14 -8.66
CA LYS A 219 -10.23 -11.27 -9.58
C LYS A 219 -11.38 -10.40 -9.12
N HIS A 220 -11.61 -10.32 -7.81
CA HIS A 220 -12.63 -9.44 -7.30
C HIS A 220 -12.41 -8.03 -7.77
N THR A 221 -11.18 -7.55 -7.68
CA THR A 221 -10.89 -6.17 -8.04
C THR A 221 -11.15 -5.95 -9.53
N THR A 222 -10.70 -6.89 -10.37
CA THR A 222 -10.98 -6.82 -11.81
CA THR A 222 -10.97 -6.75 -11.80
C THR A 222 -12.47 -6.74 -12.08
N ASN A 223 -13.25 -7.58 -11.37
CA ASN A 223 -14.69 -7.59 -11.57
C ASN A 223 -15.29 -6.22 -11.25
N VAL A 224 -14.90 -5.62 -10.11
CA VAL A 224 -15.47 -4.33 -9.71
C VAL A 224 -15.03 -3.23 -10.67
N VAL A 225 -13.76 -3.20 -11.03
CA VAL A 225 -13.27 -2.18 -11.95
C VAL A 225 -13.99 -2.26 -13.29
N LYS A 226 -14.13 -3.48 -13.82
CA LYS A 226 -14.82 -3.64 -15.09
C LYS A 226 -16.27 -3.17 -15.00
N ALA A 227 -16.93 -3.51 -13.88
CA ALA A 227 -18.32 -3.09 -13.74
C ALA A 227 -18.44 -1.58 -13.71
N HIS A 228 -17.46 -0.90 -13.11
CA HIS A 228 -17.48 0.56 -13.06
C HIS A 228 -17.28 1.15 -14.45
N THR A 229 -16.29 0.64 -15.19
CA THR A 229 -16.04 1.07 -16.55
C THR A 229 -17.31 0.98 -17.38
N ASN A 230 -18.09 -0.10 -17.20
CA ASN A 230 -19.26 -0.31 -18.04
C ASN A 230 -20.47 0.49 -17.58
N ARG A 231 -20.55 0.80 -16.29
CA ARG A 231 -21.63 1.66 -15.79
C ARG A 231 -21.56 3.02 -16.49
N SER A 232 -22.51 3.26 -17.39
N OEN B . -13.97 3.79 -0.69
C OEN B . -8.76 4.23 -2.48
O OEN B . -9.85 3.94 -3.01
C1 OEN B . -8.64 5.44 -1.62
C10 OEN B . -7.67 7.32 -0.76
C11 OEN B . -7.19 8.39 -1.79
C12 OEN B . -6.20 9.38 -1.19
C13 OEN B . -6.80 10.20 -0.07
C14 OEN B . -6.52 7.72 -3.00
C2 OEN B . -9.82 6.15 -0.99
C3 OEN B . -11.62 3.97 -0.53
C4 OEN B . -12.85 4.71 -1.04
C5 OEN B . -15.30 3.62 -0.94
C6 OEN B . -14.68 2.00 0.39
C7 OEN B . -12.13 2.88 0.48
C8 OEN B . -9.10 7.33 -0.25
C9 OEN B . -9.86 8.65 -0.28
N1 OEN B . -15.73 2.49 -0.24
N2 OEN B . -13.56 2.79 0.14
N3 OEN B . -7.52 6.02 -1.44
O1 OEN B . -5.06 8.71 -0.68
O2 OEN B . -5.39 7.21 -2.81
O3 OEN B . -7.13 7.74 -4.11
O4 OEN B . -7.68 3.63 -2.63
S OEN B . -10.58 5.16 0.36
N2 OEQ C . -14.57 3.98 -1.00
C3 OEQ C . -12.58 5.20 -0.63
C4 OEQ C . -12.36 3.77 -0.15
C6 OEQ C . -15.88 3.48 -0.79
C7 OEQ C . -13.97 5.28 -1.30
C10 OEQ C . -7.75 7.43 -0.64
C11 OEQ C . -7.32 8.37 -1.80
C12 OEQ C . -6.31 9.38 -1.30
N OEQ C . -13.71 3.13 -0.37
C OEQ C . -8.88 4.54 -2.70
O OEQ C . -7.94 3.72 -2.66
C1 OEQ C . -8.83 5.67 -1.71
C13 OEQ C . -6.87 10.30 -0.22
C14 OEQ C . -6.69 7.58 -2.94
C2 OEQ C . -9.83 6.44 -1.12
C5 OEQ C . -14.47 2.14 0.20
C8 OEQ C . -9.22 7.45 -0.17
C9 OEQ C . -9.89 8.83 -0.19
N1 OEQ C . -15.81 2.38 -0.06
N3 OEQ C . -7.65 6.07 -1.18
O1 OEQ C . -5.16 8.70 -0.77
O2 OEQ C . -5.53 7.13 -2.76
O3 OEQ C . -7.34 7.46 -4.00
O4 OEQ C . -9.82 4.52 -3.53
S OEQ C . -11.31 5.80 -1.77
ZN ZN D . -4.58 6.68 -4.47
ZN ZN E . -6.23 4.43 -1.20
ZN ZN F . 18.86 8.58 3.01
CL CL G . 19.69 6.75 3.94
CL CL H . 17.40 9.66 4.19
CL CL I . -4.06 12.72 -2.65
#